data_7ZO7
#
_entry.id   7ZO7
#
_cell.length_a   105.469
_cell.length_b   105.469
_cell.length_c   98.135
_cell.angle_alpha   90.000
_cell.angle_beta   90.000
_cell.angle_gamma   120.000
#
_symmetry.space_group_name_H-M   'P 64 2 2'
#
loop_
_entity.id
_entity.type
_entity.pdbx_description
1 polymer 'Metallo-beta-lactamase L1'
2 non-polymer 'ZINC ION'
3 non-polymer 'SULFATE ION'
4 non-polymer '(2R,5R)-2-[(1S)-1-[2-(cyanomethylsulfanyl)ethanoylamino]-1-methoxy-2-oxidanyl-2-oxidanylidene-ethyl]-5-[(1-methyl-1,2,3,4-tetrazol-5-yl)sulfanylmethyl]-5,6-dihydro-2H-1,3-thiazine-4-carboxylic acid'
5 water water
#
_entity_poly.entity_id   1
_entity_poly.type   'polypeptide(L)'
_entity_poly.pdbx_seq_one_letter_code
;GPAEVPLPQLRAYTVDASWLQPMAPLQIADHTWQIGTEDLTALLVQTPDGAVLLDGGMPQMASHLLDNMKARGVTPRDLR
LILLSHAHADHAGPVAELKRRTGAKVAANAESAVLLARGGSDDLHFGDGITYPPANADRIVMDGEVITVGGIVFTAHFMA
GHTPGSTAWTWTDTRNGKPVRIAYADSLSAPGYQLQGNPRYPHLIEDYRRSFATVRALPCDVLLTPHPGASNWDYAAGAR
AGAKALTCKAYADAAEQKFDGQLAKETAGAR
;
_entity_poly.pdbx_strand_id   A
#
# COMPACT_ATOMS: atom_id res chain seq x y z
N GLU A 4 -41.08 -7.96 13.91
CA GLU A 4 -41.05 -8.17 12.47
C GLU A 4 -39.63 -8.47 12.00
N VAL A 5 -38.96 -7.45 11.48
CA VAL A 5 -37.70 -7.62 10.79
C VAL A 5 -36.68 -6.67 11.40
N PRO A 6 -35.65 -7.17 12.06
CA PRO A 6 -34.65 -6.28 12.62
C PRO A 6 -33.76 -5.71 11.54
N LEU A 7 -33.14 -4.59 11.85
CA LEU A 7 -32.07 -4.10 11.00
C LEU A 7 -30.97 -5.17 10.87
N PRO A 8 -30.22 -5.15 9.78
CA PRO A 8 -29.19 -6.18 9.59
C PRO A 8 -28.07 -6.04 10.60
N GLN A 9 -27.43 -7.17 10.90
CA GLN A 9 -26.24 -7.12 11.75
C GLN A 9 -25.11 -6.46 10.99
N LEU A 10 -24.19 -5.84 11.74
CA LEU A 10 -22.97 -5.38 11.12
C LEU A 10 -22.27 -6.55 10.44
N ARG A 11 -21.65 -6.28 9.30
CA ARG A 11 -20.95 -7.27 8.50
C ARG A 11 -19.47 -7.00 8.60
N ALA A 12 -18.71 -8.02 8.98
CA ALA A 12 -17.28 -7.86 9.10
C ALA A 12 -16.64 -7.82 7.71
N TYR A 13 -15.52 -7.12 7.64
CA TYR A 13 -14.72 -7.08 6.42
C TYR A 13 -13.94 -8.39 6.35
N THR A 14 -14.47 -9.36 5.62
CA THR A 14 -13.83 -10.65 5.45
C THR A 14 -13.14 -10.72 4.08
N VAL A 15 -12.02 -11.46 4.04
CA VAL A 15 -11.12 -11.49 2.90
C VAL A 15 -10.69 -12.93 2.60
N ASP A 16 -10.11 -13.12 1.42
CA ASP A 16 -9.58 -14.43 1.06
C ASP A 16 -8.56 -14.89 2.09
N ALA A 17 -8.56 -16.19 2.36
CA ALA A 17 -7.66 -16.75 3.37
C ALA A 17 -6.19 -16.40 3.07
N SER A 18 -5.81 -16.39 1.79
CA SER A 18 -4.40 -16.13 1.47
C SER A 18 -3.97 -14.74 1.90
N TRP A 19 -4.91 -13.80 2.00
CA TRP A 19 -4.58 -12.45 2.47
C TRP A 19 -4.17 -12.48 3.94
N LEU A 20 -4.56 -13.52 4.66
CA LEU A 20 -4.35 -13.64 6.09
C LEU A 20 -3.39 -14.75 6.43
N GLN A 21 -2.69 -15.27 5.44
CA GLN A 21 -1.81 -16.42 5.65
C GLN A 21 -0.41 -15.93 6.03
N PRO A 22 0.04 -16.07 7.27
CA PRO A 22 1.37 -15.56 7.61
C PRO A 22 2.46 -16.22 6.78
N MET A 23 3.51 -15.43 6.50
CA MET A 23 4.72 -15.96 5.88
C MET A 23 5.92 -15.42 6.65
N ALA A 24 7.01 -16.18 6.60
CA ALA A 24 8.28 -15.71 7.12
C ALA A 24 8.82 -14.60 6.22
N PRO A 25 9.77 -13.81 6.73
CA PRO A 25 10.33 -12.72 5.91
C PRO A 25 10.94 -13.23 4.61
N LEU A 26 10.65 -12.51 3.51
CA LEU A 26 11.13 -12.80 2.17
C LEU A 26 11.98 -11.62 1.70
N GLN A 27 13.25 -11.88 1.41
CA GLN A 27 14.14 -10.77 1.06
C GLN A 27 13.91 -10.31 -0.37
N ILE A 28 13.77 -8.99 -0.54
CA ILE A 28 13.63 -8.35 -1.85
C ILE A 28 14.95 -7.75 -2.32
N ALA A 29 15.66 -7.08 -1.41
CA ALA A 29 16.99 -6.54 -1.68
C ALA A 29 17.77 -6.55 -0.36
N ASP A 30 18.95 -5.92 -0.35
CA ASP A 30 19.86 -6.08 0.77
C ASP A 30 19.23 -5.64 2.09
N HIS A 31 18.40 -4.60 2.06
CA HIS A 31 17.80 -4.07 3.28
C HIS A 31 16.29 -4.10 3.26
N THR A 32 15.68 -4.70 2.24
CA THR A 32 14.24 -4.63 2.03
C THR A 32 13.62 -6.03 2.06
N TRP A 33 12.57 -6.20 2.88
CA TRP A 33 11.96 -7.51 3.11
C TRP A 33 10.44 -7.41 3.05
N GLN A 34 9.81 -8.42 2.45
CA GLN A 34 8.38 -8.62 2.60
C GLN A 34 8.09 -9.39 3.89
N ILE A 35 7.31 -8.78 4.78
CA ILE A 35 7.10 -9.38 6.11
C ILE A 35 5.61 -9.51 6.42
N GLY A 36 4.76 -9.36 5.41
CA GLY A 36 3.33 -9.47 5.59
C GLY A 36 2.82 -10.91 5.44
N THR A 37 1.76 -11.06 4.68
CA THR A 37 1.15 -12.36 4.43
C THR A 37 1.40 -12.75 2.99
N GLU A 38 0.92 -13.93 2.60
N GLU A 38 0.95 -13.96 2.64
CA GLU A 38 1.17 -14.42 1.25
CA GLU A 38 1.10 -14.46 1.27
C GLU A 38 0.54 -13.51 0.20
C GLU A 38 0.60 -13.45 0.26
N ASP A 39 -0.57 -12.85 0.52
CA ASP A 39 -1.24 -12.03 -0.50
C ASP A 39 -1.47 -10.58 -0.07
N LEU A 40 -0.77 -10.10 0.98
CA LEU A 40 -0.75 -8.67 1.28
C LEU A 40 0.68 -8.25 1.58
N THR A 41 1.13 -7.22 0.89
CA THR A 41 2.46 -6.67 1.07
C THR A 41 2.57 -5.84 2.34
N ALA A 42 3.68 -6.02 3.05
CA ALA A 42 4.11 -5.13 4.12
C ALA A 42 5.62 -5.14 4.06
N LEU A 43 6.22 -4.03 3.68
CA LEU A 43 7.65 -3.99 3.40
C LEU A 43 8.41 -3.41 4.59
N LEU A 44 9.44 -4.13 5.02
CA LEU A 44 10.34 -3.67 6.06
C LEU A 44 11.65 -3.25 5.40
N VAL A 45 12.08 -2.01 5.66
CA VAL A 45 13.38 -1.53 5.19
C VAL A 45 14.22 -1.26 6.42
N GLN A 46 15.33 -1.97 6.54
CA GLN A 46 16.20 -1.92 7.72
C GLN A 46 17.44 -1.08 7.43
N THR A 47 17.67 -0.09 8.26
CA THR A 47 18.80 0.81 8.12
C THR A 47 19.60 0.80 9.41
N PRO A 48 20.83 1.28 9.37
CA PRO A 48 21.61 1.37 10.61
C PRO A 48 20.96 2.28 11.63
N ASP A 49 20.07 3.19 11.20
CA ASP A 49 19.43 4.16 12.08
C ASP A 49 17.95 3.87 12.29
N GLY A 50 17.54 2.61 12.22
CA GLY A 50 16.17 2.23 12.50
C GLY A 50 15.49 1.71 11.25
N ALA A 51 14.25 1.28 11.43
CA ALA A 51 13.52 0.58 10.39
C ALA A 51 12.30 1.37 9.94
N VAL A 52 11.96 1.15 8.68
CA VAL A 52 10.77 1.71 8.04
C VAL A 52 9.85 0.57 7.65
N LEU A 53 8.55 0.76 7.89
CA LEU A 53 7.52 -0.16 7.44
C LEU A 53 6.66 0.55 6.39
N LEU A 54 6.51 -0.06 5.21
CA LEU A 54 5.58 0.44 4.20
C LEU A 54 4.40 -0.53 4.14
N ASP A 55 3.25 -0.06 4.62
CA ASP A 55 1.99 -0.79 4.77
C ASP A 55 2.08 -1.86 5.86
N GLY A 56 0.93 -2.22 6.41
CA GLY A 56 0.85 -3.30 7.38
C GLY A 56 -0.18 -4.36 7.06
N GLY A 57 -0.93 -4.20 5.98
CA GLY A 57 -1.99 -5.15 5.70
C GLY A 57 -3.25 -4.94 6.53
N MET A 58 -3.87 -6.03 6.93
CA MET A 58 -5.13 -6.06 7.63
C MET A 58 -4.96 -5.76 9.12
N PRO A 59 -6.03 -5.35 9.80
CA PRO A 59 -5.90 -4.99 11.23
C PRO A 59 -5.36 -6.10 12.09
N GLN A 60 -5.71 -7.33 11.79
CA GLN A 60 -5.31 -8.40 12.67
C GLN A 60 -3.87 -8.87 12.41
N MET A 61 -3.11 -8.19 11.54
CA MET A 61 -1.73 -8.57 11.23
C MET A 61 -0.67 -7.93 12.14
N ALA A 62 -1.06 -7.11 13.12
CA ALA A 62 -0.06 -6.37 13.89
C ALA A 62 0.94 -7.29 14.60
N SER A 63 0.46 -8.34 15.31
CA SER A 63 1.38 -9.17 16.07
C SER A 63 2.29 -9.97 15.15
N HIS A 64 1.75 -10.46 14.05
CA HIS A 64 2.58 -11.15 13.06
C HIS A 64 3.69 -10.24 12.53
N LEU A 65 3.36 -8.99 12.22
CA LEU A 65 4.36 -8.04 11.76
C LEU A 65 5.45 -7.83 12.80
N LEU A 66 5.06 -7.68 14.07
CA LEU A 66 6.04 -7.48 15.13
C LEU A 66 6.91 -8.72 15.31
N ASP A 67 6.33 -9.92 15.14
CA ASP A 67 7.10 -11.16 15.18
C ASP A 67 8.14 -11.20 14.07
N ASN A 68 7.73 -10.85 12.83
CA ASN A 68 8.68 -10.86 11.72
C ASN A 68 9.73 -9.79 11.88
N MET A 69 9.37 -8.63 12.44
CA MET A 69 10.39 -7.63 12.75
C MET A 69 11.42 -8.18 13.73
N LYS A 70 10.96 -8.82 14.81
CA LYS A 70 11.89 -9.40 15.78
C LYS A 70 12.81 -10.43 15.11
N ALA A 71 12.27 -11.24 14.21
CA ALA A 71 13.08 -12.22 13.48
C ALA A 71 14.18 -11.55 12.65
N ARG A 72 13.93 -10.33 12.19
CA ARG A 72 14.89 -9.55 11.42
C ARG A 72 15.86 -8.76 12.29
N GLY A 73 15.67 -8.78 13.60
CA GLY A 73 16.50 -8.00 14.52
C GLY A 73 15.97 -6.62 14.83
N VAL A 74 14.71 -6.34 14.51
CA VAL A 74 14.09 -5.03 14.70
C VAL A 74 13.19 -5.12 15.93
N THR A 75 13.57 -4.44 17.00
CA THR A 75 12.70 -4.36 18.16
C THR A 75 11.68 -3.25 17.96
N PRO A 76 10.65 -3.22 18.81
CA PRO A 76 9.65 -2.14 18.71
C PRO A 76 10.24 -0.74 18.76
N ARG A 77 11.22 -0.48 19.63
CA ARG A 77 11.83 0.85 19.65
C ARG A 77 12.56 1.16 18.35
N ASP A 78 12.95 0.15 17.58
CA ASP A 78 13.74 0.38 16.38
C ASP A 78 12.89 0.77 15.18
N LEU A 79 11.59 0.50 15.21
CA LEU A 79 10.71 0.90 14.11
C LEU A 79 10.43 2.39 14.24
N ARG A 80 10.91 3.15 13.27
CA ARG A 80 10.88 4.61 13.36
C ARG A 80 9.77 5.24 12.54
N LEU A 81 9.39 4.63 11.42
CA LEU A 81 8.57 5.29 10.41
C LEU A 81 7.66 4.27 9.76
N ILE A 82 6.40 4.64 9.61
CA ILE A 82 5.41 3.91 8.83
C ILE A 82 4.98 4.80 7.68
N LEU A 83 5.07 4.26 6.46
CA LEU A 83 4.59 4.87 5.23
C LEU A 83 3.46 4.02 4.68
N LEU A 84 2.57 4.64 3.92
CA LEU A 84 1.40 3.94 3.40
C LEU A 84 1.24 4.14 1.90
N SER A 85 0.77 3.08 1.24
CA SER A 85 0.31 3.20 -0.14
C SER A 85 -1.02 3.94 -0.18
N HIS A 86 -2.03 3.40 0.49
CA HIS A 86 -3.28 4.11 0.70
C HIS A 86 -3.95 3.61 1.97
N ALA A 87 -4.85 4.43 2.50
CA ALA A 87 -5.40 4.21 3.84
C ALA A 87 -6.72 3.43 3.85
N HIS A 88 -6.74 2.30 3.17
CA HIS A 88 -7.82 1.33 3.30
C HIS A 88 -7.46 0.26 4.32
N ALA A 89 -8.49 -0.45 4.79
CA ALA A 89 -8.35 -1.39 5.90
C ALA A 89 -7.40 -2.54 5.61
N ASP A 90 -7.27 -2.94 4.35
CA ASP A 90 -6.41 -4.07 4.01
C ASP A 90 -4.96 -3.66 3.79
N HIS A 91 -4.62 -2.39 3.98
CA HIS A 91 -3.23 -1.96 3.85
C HIS A 91 -2.75 -1.14 5.05
N ALA A 92 -3.64 -0.34 5.65
CA ALA A 92 -3.34 0.47 6.84
C ALA A 92 -3.99 -0.10 8.10
N GLY A 93 -4.58 -1.28 8.03
CA GLY A 93 -5.37 -1.82 9.11
C GLY A 93 -4.75 -1.77 10.49
N PRO A 94 -3.49 -2.20 10.61
CA PRO A 94 -2.88 -2.30 11.95
C PRO A 94 -2.06 -1.09 12.38
N VAL A 95 -2.17 0.02 11.64
CA VAL A 95 -1.29 1.17 11.92
C VAL A 95 -1.50 1.71 13.32
N ALA A 96 -2.76 1.87 13.76
CA ALA A 96 -2.99 2.43 15.11
C ALA A 96 -2.32 1.57 16.18
N GLU A 97 -2.50 0.25 16.07
CA GLU A 97 -1.94 -0.64 17.07
C GLU A 97 -0.41 -0.64 16.99
N LEU A 98 0.14 -0.60 15.79
CA LEU A 98 1.59 -0.54 15.65
C LEU A 98 2.13 0.73 16.31
N LYS A 99 1.45 1.86 16.15
CA LYS A 99 1.92 3.08 16.80
C LYS A 99 1.92 2.93 18.32
N ARG A 100 0.90 2.26 18.87
CA ARG A 100 0.84 2.06 20.31
C ARG A 100 1.96 1.15 20.82
N ARG A 101 2.38 0.17 20.02
CA ARG A 101 3.28 -0.88 20.46
C ARG A 101 4.73 -0.67 20.05
N THR A 102 5.03 0.39 19.28
CA THR A 102 6.37 0.63 18.77
C THR A 102 6.71 2.12 18.88
N GLY A 103 7.96 2.46 18.55
CA GLY A 103 8.32 3.86 18.42
C GLY A 103 7.87 4.55 17.15
N ALA A 104 7.04 3.92 16.33
CA ALA A 104 6.87 4.37 14.96
C ALA A 104 5.98 5.60 14.85
N LYS A 105 6.36 6.48 13.94
CA LYS A 105 5.55 7.63 13.56
C LYS A 105 5.14 7.45 12.11
N VAL A 106 3.99 8.03 11.77
CA VAL A 106 3.39 7.90 10.43
C VAL A 106 3.63 9.17 9.64
N ALA A 107 4.08 9.02 8.39
CA ALA A 107 4.16 10.12 7.43
C ALA A 107 3.22 9.80 6.28
N ALA A 108 2.39 10.76 5.91
CA ALA A 108 1.41 10.54 4.85
C ALA A 108 1.00 11.87 4.26
N ASN A 109 0.41 11.81 3.07
CA ASN A 109 -0.13 13.03 2.51
C ASN A 109 -1.46 13.38 3.18
N ALA A 110 -1.91 14.61 2.93
CA ALA A 110 -3.08 15.13 3.60
C ALA A 110 -4.30 14.25 3.35
N GLU A 111 -4.51 13.81 2.11
CA GLU A 111 -5.68 12.99 1.84
C GLU A 111 -5.61 11.68 2.62
N SER A 112 -4.46 11.01 2.59
CA SER A 112 -4.34 9.76 3.32
C SER A 112 -4.46 9.98 4.82
N ALA A 113 -3.93 11.10 5.32
CA ALA A 113 -4.00 11.40 6.75
C ALA A 113 -5.45 11.58 7.20
N VAL A 114 -6.29 12.26 6.42
N VAL A 114 -6.26 12.28 6.41
CA VAL A 114 -7.66 12.47 6.88
CA VAL A 114 -7.64 12.50 6.78
C VAL A 114 -8.46 11.18 6.78
C VAL A 114 -8.41 11.18 6.80
N LEU A 115 -8.16 10.31 5.82
CA LEU A 115 -8.86 9.03 5.76
C LEU A 115 -8.40 8.11 6.88
N LEU A 116 -7.11 8.10 7.16
CA LEU A 116 -6.57 7.32 8.27
C LEU A 116 -7.16 7.77 9.61
N ALA A 117 -7.31 9.09 9.79
CA ALA A 117 -7.84 9.63 11.04
C ALA A 117 -9.31 9.33 11.25
N ARG A 118 -10.06 9.01 10.18
CA ARG A 118 -11.42 8.53 10.41
C ARG A 118 -11.54 7.02 10.22
N GLY A 119 -10.42 6.30 10.30
CA GLY A 119 -10.44 4.84 10.24
C GLY A 119 -11.08 4.28 8.98
N GLY A 120 -10.96 5.00 7.87
CA GLY A 120 -11.56 4.52 6.63
C GLY A 120 -13.05 4.69 6.53
N SER A 121 -13.68 5.32 7.52
CA SER A 121 -15.10 5.57 7.46
C SER A 121 -15.37 6.69 6.46
N ASP A 122 -16.64 6.79 6.04
CA ASP A 122 -17.08 7.76 5.02
C ASP A 122 -16.16 7.71 3.79
N ASP A 123 -15.86 6.49 3.36
CA ASP A 123 -15.10 6.27 2.14
C ASP A 123 -15.89 6.80 0.94
N LEU A 124 -15.18 7.36 -0.03
CA LEU A 124 -15.86 7.95 -1.18
C LEU A 124 -16.73 6.93 -1.91
N HIS A 125 -16.33 5.65 -1.88
CA HIS A 125 -17.01 4.60 -2.63
C HIS A 125 -17.63 3.52 -1.76
N PHE A 126 -17.01 3.18 -0.65
CA PHE A 126 -17.43 2.07 0.21
C PHE A 126 -18.23 2.51 1.43
N GLY A 127 -18.42 3.81 1.64
CA GLY A 127 -19.18 4.24 2.80
C GLY A 127 -18.48 3.85 4.09
N ASP A 128 -19.23 3.23 5.01
CA ASP A 128 -18.67 2.74 6.27
C ASP A 128 -18.47 1.24 6.26
N GLY A 129 -18.46 0.62 5.07
CA GLY A 129 -18.39 -0.83 5.00
C GLY A 129 -17.03 -1.41 5.32
N ILE A 130 -15.97 -0.61 5.24
N ILE A 130 -15.98 -0.61 5.29
CA ILE A 130 -14.62 -1.12 5.48
CA ILE A 130 -14.64 -1.13 5.47
C ILE A 130 -13.85 -0.19 6.39
C ILE A 130 -13.87 -0.18 6.38
N THR A 131 -14.18 -0.22 7.68
CA THR A 131 -13.56 0.65 8.67
C THR A 131 -12.52 -0.14 9.46
N TYR A 132 -11.64 0.60 10.13
CA TYR A 132 -10.56 0.01 10.91
C TYR A 132 -10.17 1.04 11.97
N PRO A 133 -9.31 0.68 12.92
CA PRO A 133 -9.01 1.62 14.01
C PRO A 133 -8.31 2.88 13.49
N PRO A 134 -8.79 4.06 13.86
CA PRO A 134 -8.18 5.28 13.32
C PRO A 134 -6.81 5.54 13.91
N ALA A 135 -5.99 6.24 13.12
CA ALA A 135 -4.67 6.67 13.59
C ALA A 135 -4.37 8.07 13.09
N ASN A 136 -3.46 8.75 13.78
CA ASN A 136 -3.05 10.10 13.43
C ASN A 136 -1.71 10.06 12.70
N ALA A 137 -1.58 10.89 11.68
CA ALA A 137 -0.29 11.10 11.02
C ALA A 137 0.56 12.09 11.82
N ASP A 138 1.87 11.82 11.89
CA ASP A 138 2.81 12.68 12.59
C ASP A 138 3.50 13.69 11.69
N ARG A 139 3.51 13.41 10.39
CA ARG A 139 4.15 14.26 9.40
C ARG A 139 3.30 14.21 8.14
N ILE A 140 3.02 15.38 7.57
CA ILE A 140 2.29 15.46 6.30
C ILE A 140 3.31 15.67 5.19
N VAL A 141 3.23 14.87 4.12
CA VAL A 141 4.15 15.01 3.01
C VAL A 141 3.44 15.54 1.77
N MET A 142 4.21 16.26 0.97
CA MET A 142 3.80 16.81 -0.32
C MET A 142 4.34 15.96 -1.46
N ASP A 143 3.77 16.17 -2.64
CA ASP A 143 4.15 15.38 -3.80
C ASP A 143 5.62 15.63 -4.13
N GLY A 144 6.37 14.55 -4.30
CA GLY A 144 7.78 14.66 -4.58
C GLY A 144 8.65 14.85 -3.37
N GLU A 145 8.09 14.96 -2.17
CA GLU A 145 8.89 15.18 -0.98
C GLU A 145 9.66 13.91 -0.62
N VAL A 146 10.84 14.10 -0.03
CA VAL A 146 11.69 12.97 0.36
C VAL A 146 11.75 12.86 1.86
N ILE A 147 11.88 11.62 2.34
CA ILE A 147 12.15 11.33 3.75
C ILE A 147 13.34 10.40 3.80
N THR A 148 14.27 10.68 4.69
CA THR A 148 15.51 9.92 4.77
C THR A 148 15.60 9.22 6.12
N VAL A 149 15.85 7.91 6.10
CA VAL A 149 16.07 7.15 7.32
C VAL A 149 17.34 6.34 7.14
N GLY A 150 18.28 6.52 8.07
CA GLY A 150 19.53 5.80 8.03
C GLY A 150 20.13 5.77 6.65
N GLY A 151 19.98 6.86 5.92
CA GLY A 151 20.62 6.98 4.62
C GLY A 151 19.86 6.43 3.44
N ILE A 152 18.70 5.81 3.65
CA ILE A 152 17.85 5.39 2.55
C ILE A 152 16.83 6.50 2.31
N VAL A 153 16.69 6.91 1.05
CA VAL A 153 15.87 8.07 0.72
C VAL A 153 14.60 7.57 0.05
N PHE A 154 13.46 7.88 0.68
CA PHE A 154 12.15 7.52 0.19
C PHE A 154 11.52 8.76 -0.44
N THR A 155 11.04 8.63 -1.68
CA THR A 155 10.38 9.73 -2.38
C THR A 155 8.91 9.40 -2.59
N ALA A 156 8.03 10.34 -2.26
CA ALA A 156 6.61 10.19 -2.48
C ALA A 156 6.23 10.62 -3.90
N HIS A 157 5.43 9.80 -4.57
CA HIS A 157 4.88 10.15 -5.89
C HIS A 157 3.37 9.98 -5.82
N PHE A 158 2.64 11.08 -5.82
CA PHE A 158 1.21 10.95 -5.66
C PHE A 158 0.64 10.32 -6.91
N MET A 159 -0.33 9.43 -6.72
CA MET A 159 -1.00 8.74 -7.82
C MET A 159 -2.46 8.52 -7.45
N ALA A 160 -3.16 9.65 -7.26
CA ALA A 160 -4.56 9.66 -6.87
C ALA A 160 -5.42 8.83 -7.83
N GLY A 161 -6.43 8.18 -7.26
CA GLY A 161 -7.42 7.45 -8.03
C GLY A 161 -8.08 6.41 -7.16
N HIS A 162 -7.35 5.33 -6.88
CA HIS A 162 -7.92 4.28 -6.03
C HIS A 162 -8.39 4.86 -4.70
N THR A 163 -7.61 5.75 -4.10
CA THR A 163 -8.08 6.71 -3.13
C THR A 163 -7.52 8.06 -3.54
N PRO A 164 -8.10 9.15 -3.06
CA PRO A 164 -7.49 10.47 -3.33
C PRO A 164 -6.04 10.57 -2.91
N GLY A 165 -5.64 9.87 -1.85
CA GLY A 165 -4.32 9.99 -1.28
C GLY A 165 -3.34 8.91 -1.70
N SER A 166 -3.72 8.07 -2.65
CA SER A 166 -2.86 6.99 -3.13
C SER A 166 -1.48 7.51 -3.53
N THR A 167 -0.46 6.80 -3.08
CA THR A 167 0.93 7.23 -3.19
C THR A 167 1.80 6.06 -3.63
N ALA A 168 2.75 6.31 -4.54
CA ALA A 168 3.85 5.40 -4.81
C ALA A 168 5.07 5.88 -4.02
N TRP A 169 5.80 4.96 -3.42
CA TRP A 169 7.02 5.26 -2.71
C TRP A 169 8.18 4.60 -3.43
N THR A 170 9.24 5.37 -3.68
CA THR A 170 10.41 4.83 -4.37
C THR A 170 11.65 5.04 -3.51
N TRP A 171 12.57 4.08 -3.60
CA TRP A 171 13.86 4.21 -2.91
C TRP A 171 14.86 3.32 -3.62
N THR A 172 16.14 3.59 -3.35
CA THR A 172 17.22 2.81 -3.95
C THR A 172 17.86 1.98 -2.85
N ASP A 173 17.84 0.68 -3.02
CA ASP A 173 18.56 -0.27 -2.20
C ASP A 173 19.69 -0.86 -3.04
N THR A 174 20.33 -1.91 -2.54
CA THR A 174 21.36 -2.61 -3.29
C THR A 174 21.05 -4.09 -3.31
N ARG A 175 21.68 -4.77 -4.27
CA ARG A 175 21.57 -6.20 -4.52
C ARG A 175 22.87 -6.62 -5.17
N ASN A 176 23.47 -7.69 -4.65
CA ASN A 176 24.71 -8.20 -5.25
C ASN A 176 25.66 -7.05 -5.55
N GLY A 177 25.69 -6.04 -4.68
CA GLY A 177 26.52 -4.89 -4.85
C GLY A 177 25.89 -3.73 -5.61
N LYS A 178 24.96 -4.03 -6.50
CA LYS A 178 24.53 -3.00 -7.42
C LYS A 178 23.27 -2.29 -6.91
N PRO A 179 23.14 -1.00 -7.23
CA PRO A 179 21.90 -0.30 -6.89
C PRO A 179 20.69 -0.94 -7.56
N VAL A 180 19.59 -0.96 -6.82
CA VAL A 180 18.29 -1.42 -7.28
C VAL A 180 17.28 -0.35 -6.92
N ARG A 181 16.65 0.22 -7.95
CA ARG A 181 15.60 1.22 -7.74
C ARG A 181 14.27 0.50 -7.54
N ILE A 182 13.76 0.57 -6.32
CA ILE A 182 12.53 -0.13 -5.94
C ILE A 182 11.38 0.84 -6.03
N ALA A 183 10.29 0.40 -6.66
CA ALA A 183 9.07 1.19 -6.73
C ALA A 183 7.93 0.40 -6.09
N TYR A 184 7.39 0.94 -5.01
CA TYR A 184 6.21 0.39 -4.36
C TYR A 184 5.04 1.24 -4.84
N ALA A 185 4.41 0.78 -5.92
CA ALA A 185 3.34 1.53 -6.54
C ALA A 185 2.01 1.09 -5.97
N ASP A 186 1.14 2.06 -5.73
CA ASP A 186 -0.16 1.77 -5.15
C ASP A 186 -1.06 1.08 -6.17
N SER A 187 -2.17 0.57 -5.65
N SER A 187 -2.18 0.58 -5.65
CA SER A 187 -3.26 0.06 -6.46
CA SER A 187 -3.24 0.03 -6.48
C SER A 187 -3.72 1.06 -7.50
C SER A 187 -3.73 1.06 -7.50
N LEU A 188 -4.09 0.54 -8.67
CA LEU A 188 -4.67 1.32 -9.77
C LEU A 188 -6.04 0.77 -10.14
N SER A 189 -6.65 -0.02 -9.27
CA SER A 189 -7.96 -0.60 -9.47
C SER A 189 -9.05 0.40 -9.12
N ALA A 190 -10.25 0.14 -9.61
CA ALA A 190 -11.43 0.95 -9.25
C ALA A 190 -12.61 0.02 -8.99
N PRO A 191 -12.52 -0.82 -7.94
CA PRO A 191 -13.45 -1.95 -7.79
C PRO A 191 -14.87 -1.54 -7.42
N GLY A 192 -15.78 -1.70 -8.37
CA GLY A 192 -17.16 -1.26 -8.23
C GLY A 192 -17.36 0.23 -8.14
N TYR A 193 -16.33 1.03 -8.47
CA TYR A 193 -16.46 2.48 -8.40
C TYR A 193 -17.38 3.02 -9.49
N GLN A 194 -18.16 4.04 -9.16
CA GLN A 194 -18.78 4.89 -10.17
C GLN A 194 -17.70 5.84 -10.69
N LEU A 195 -17.33 5.68 -11.96
CA LEU A 195 -16.21 6.45 -12.50
C LEU A 195 -16.63 7.80 -13.08
N GLN A 196 -17.73 7.82 -13.84
CA GLN A 196 -18.16 9.01 -14.57
C GLN A 196 -19.18 9.77 -13.74
N GLY A 197 -19.01 11.09 -13.65
CA GLY A 197 -19.99 11.93 -12.98
C GLY A 197 -20.19 11.59 -11.53
N ASN A 198 -19.14 11.19 -10.86
CA ASN A 198 -19.25 10.82 -9.44
C ASN A 198 -19.25 12.09 -8.60
N PRO A 199 -20.32 12.40 -7.85
CA PRO A 199 -20.35 13.70 -7.17
C PRO A 199 -19.34 13.82 -6.05
N ARG A 200 -18.93 12.69 -5.46
CA ARG A 200 -17.90 12.71 -4.43
C ARG A 200 -16.49 12.75 -5.00
N TYR A 201 -16.32 12.55 -6.31
CA TYR A 201 -14.97 12.56 -6.92
C TYR A 201 -15.09 13.00 -8.37
N PRO A 202 -15.33 14.30 -8.60
CA PRO A 202 -15.68 14.73 -9.97
C PRO A 202 -14.58 14.53 -10.98
N HIS A 203 -13.30 14.64 -10.59
CA HIS A 203 -12.19 14.48 -11.51
C HIS A 203 -11.55 13.11 -11.41
N LEU A 204 -12.32 12.10 -11.00
CA LEU A 204 -11.79 10.76 -10.82
C LEU A 204 -11.07 10.28 -12.08
N ILE A 205 -11.70 10.42 -13.25
CA ILE A 205 -11.10 9.85 -14.46
C ILE A 205 -9.79 10.54 -14.79
N GLU A 206 -9.76 11.88 -14.73
CA GLU A 206 -8.52 12.60 -15.06
C GLU A 206 -7.41 12.23 -14.09
N ASP A 207 -7.75 12.02 -12.83
CA ASP A 207 -6.75 11.64 -11.85
C ASP A 207 -6.20 10.24 -12.15
N TYR A 208 -7.06 9.28 -12.47
CA TYR A 208 -6.56 7.97 -12.84
C TYR A 208 -5.63 8.05 -14.05
N ARG A 209 -6.03 8.82 -15.08
CA ARG A 209 -5.20 8.95 -16.28
C ARG A 209 -3.83 9.53 -15.97
N ARG A 210 -3.79 10.54 -15.12
CA ARG A 210 -2.51 11.09 -14.70
C ARG A 210 -1.71 10.08 -13.89
N SER A 211 -2.40 9.29 -13.06
CA SER A 211 -1.70 8.29 -12.26
C SER A 211 -1.10 7.17 -13.10
N PHE A 212 -1.78 6.75 -14.17
CA PHE A 212 -1.14 5.76 -15.06
C PHE A 212 0.18 6.32 -15.58
N ALA A 213 0.20 7.59 -15.93
CA ALA A 213 1.40 8.21 -16.48
C ALA A 213 2.50 8.31 -15.43
N THR A 214 2.11 8.64 -14.20
CA THR A 214 3.06 8.68 -13.09
C THR A 214 3.70 7.32 -12.88
N VAL A 215 2.89 6.27 -12.85
CA VAL A 215 3.43 4.94 -12.59
C VAL A 215 4.37 4.51 -13.72
N ARG A 216 3.95 4.77 -14.96
N ARG A 216 3.99 4.78 -14.98
CA ARG A 216 4.73 4.49 -16.17
CA ARG A 216 4.81 4.39 -16.11
C ARG A 216 6.15 5.04 -16.06
C ARG A 216 6.19 5.03 -16.07
N ALA A 217 6.30 6.20 -15.43
CA ALA A 217 7.54 6.95 -15.39
C ALA A 217 8.36 6.75 -14.12
N LEU A 218 7.96 5.89 -13.19
CA LEU A 218 8.70 5.76 -11.95
C LEU A 218 10.07 5.13 -12.20
N PRO A 219 11.07 5.49 -11.39
CA PRO A 219 12.34 4.73 -11.40
C PRO A 219 12.06 3.35 -10.85
N CYS A 220 12.32 2.31 -11.64
CA CYS A 220 11.61 1.08 -11.39
C CYS A 220 12.38 -0.14 -11.89
N ASP A 221 13.50 -0.46 -11.23
CA ASP A 221 14.15 -1.73 -11.50
C ASP A 221 13.34 -2.91 -10.97
N VAL A 222 12.65 -2.73 -9.85
CA VAL A 222 11.80 -3.74 -9.25
C VAL A 222 10.50 -3.05 -8.85
N LEU A 223 9.37 -3.55 -9.36
CA LEU A 223 8.04 -3.10 -8.97
C LEU A 223 7.48 -4.03 -7.91
N LEU A 224 6.91 -3.44 -6.85
CA LEU A 224 6.10 -4.16 -5.86
C LEU A 224 4.77 -3.44 -5.72
N THR A 225 3.71 -4.17 -5.36
CA THR A 225 2.39 -3.57 -5.20
C THR A 225 1.72 -4.07 -3.92
N PRO A 226 0.75 -3.31 -3.39
CA PRO A 226 0.12 -3.74 -2.13
C PRO A 226 -0.55 -5.10 -2.21
N HIS A 227 -1.21 -5.38 -3.33
CA HIS A 227 -1.66 -6.73 -3.61
C HIS A 227 -0.60 -7.33 -4.54
N PRO A 228 0.19 -8.32 -4.10
CA PRO A 228 1.30 -8.77 -4.95
C PRO A 228 0.87 -9.26 -6.31
N GLY A 229 -0.32 -9.87 -6.40
CA GLY A 229 -0.80 -10.37 -7.67
C GLY A 229 -0.94 -9.32 -8.74
N ALA A 230 -1.17 -8.06 -8.34
CA ALA A 230 -1.32 -6.98 -9.32
C ALA A 230 -0.04 -6.74 -10.10
N SER A 231 1.12 -7.04 -9.53
CA SER A 231 2.38 -6.90 -10.24
C SER A 231 3.02 -8.26 -10.54
N ASN A 232 2.25 -9.33 -10.40
CA ASN A 232 2.65 -10.70 -10.76
C ASN A 232 3.75 -11.23 -9.85
N TRP A 233 3.78 -10.76 -8.60
CA TRP A 233 4.58 -11.40 -7.56
C TRP A 233 3.83 -12.61 -7.00
N ASP A 234 4.57 -13.64 -6.61
CA ASP A 234 4.03 -14.81 -5.89
C ASP A 234 4.90 -15.01 -4.64
N TYR A 235 4.47 -14.44 -3.52
CA TYR A 235 5.31 -14.48 -2.33
C TYR A 235 5.52 -15.89 -1.81
N ALA A 236 4.68 -16.84 -2.21
CA ALA A 236 4.85 -18.21 -1.76
C ALA A 236 5.84 -18.99 -2.62
N ALA A 237 6.42 -18.38 -3.64
CA ALA A 237 7.25 -19.09 -4.60
C ALA A 237 8.75 -18.99 -4.29
N GLY A 238 9.11 -18.47 -3.12
CA GLY A 238 10.49 -18.59 -2.67
C GLY A 238 11.44 -17.81 -3.56
N ALA A 239 12.51 -18.48 -4.00
CA ALA A 239 13.53 -17.83 -4.81
C ALA A 239 12.97 -17.29 -6.11
N ARG A 240 11.83 -17.79 -6.55
CA ARG A 240 11.20 -17.33 -7.78
C ARG A 240 10.05 -16.36 -7.52
N ALA A 241 9.90 -15.86 -6.28
CA ALA A 241 8.74 -15.04 -5.98
C ALA A 241 8.58 -13.85 -6.93
N GLY A 242 9.68 -13.20 -7.29
CA GLY A 242 9.65 -12.02 -8.13
C GLY A 242 9.98 -12.29 -9.58
N ALA A 243 10.16 -13.54 -9.97
CA ALA A 243 10.68 -13.82 -11.31
C ALA A 243 9.76 -13.26 -12.38
N LYS A 244 8.44 -13.36 -12.17
CA LYS A 244 7.48 -12.97 -13.20
C LYS A 244 6.96 -11.55 -13.02
N ALA A 245 7.55 -10.79 -12.10
CA ALA A 245 7.02 -9.46 -11.78
C ALA A 245 6.99 -8.58 -13.03
N LEU A 246 5.93 -7.78 -13.13
CA LEU A 246 5.79 -6.78 -14.19
C LEU A 246 6.76 -5.63 -14.00
N THR A 247 7.07 -4.96 -15.11
CA THR A 247 7.65 -3.62 -15.05
C THR A 247 6.57 -2.63 -14.62
N CYS A 248 7.01 -1.45 -14.17
CA CYS A 248 6.02 -0.40 -13.90
C CYS A 248 5.22 -0.05 -15.15
N LYS A 249 5.89 -0.03 -16.31
CA LYS A 249 5.21 0.29 -17.56
C LYS A 249 4.10 -0.72 -17.87
N ALA A 250 4.39 -2.01 -17.65
CA ALA A 250 3.40 -3.05 -17.96
C ALA A 250 2.26 -3.01 -16.95
N TYR A 251 2.56 -2.74 -15.68
CA TYR A 251 1.52 -2.59 -14.67
C TYR A 251 0.60 -1.43 -15.00
N ALA A 252 1.18 -0.29 -15.39
CA ALA A 252 0.37 0.87 -15.75
C ALA A 252 -0.48 0.58 -16.98
N ASP A 253 0.11 -0.07 -17.99
CA ASP A 253 -0.64 -0.35 -19.20
C ASP A 253 -1.80 -1.30 -18.93
N ALA A 254 -1.55 -2.33 -18.11
CA ALA A 254 -2.59 -3.29 -17.82
C ALA A 254 -3.71 -2.63 -17.04
N ALA A 255 -3.37 -1.76 -16.10
CA ALA A 255 -4.38 -1.08 -15.29
C ALA A 255 -5.20 -0.14 -16.16
N GLU A 256 -4.56 0.51 -17.14
CA GLU A 256 -5.30 1.45 -17.99
C GLU A 256 -6.23 0.71 -18.92
N GLN A 257 -5.77 -0.40 -19.50
CA GLN A 257 -6.65 -1.22 -20.32
C GLN A 257 -7.85 -1.71 -19.53
N LYS A 258 -7.63 -2.17 -18.29
CA LYS A 258 -8.76 -2.60 -17.46
C LYS A 258 -9.70 -1.44 -17.19
N PHE A 259 -9.13 -0.28 -16.88
CA PHE A 259 -9.92 0.92 -16.59
C PHE A 259 -10.78 1.32 -17.78
N ASP A 260 -10.19 1.33 -18.99
CA ASP A 260 -10.96 1.68 -20.19
C ASP A 260 -12.12 0.71 -20.39
N GLY A 261 -11.90 -0.58 -20.12
CA GLY A 261 -12.99 -1.54 -20.23
C GLY A 261 -14.09 -1.26 -19.21
N GLN A 262 -13.70 -0.89 -17.99
CA GLN A 262 -14.70 -0.59 -16.97
C GLN A 262 -15.50 0.65 -17.34
N LEU A 263 -14.84 1.66 -17.90
CA LEU A 263 -15.56 2.84 -18.36
C LEU A 263 -16.61 2.45 -19.39
N ALA A 264 -16.22 1.60 -20.35
CA ALA A 264 -17.15 1.20 -21.39
C ALA A 264 -18.30 0.39 -20.81
N LYS A 265 -18.02 -0.47 -19.82
CA LYS A 265 -19.08 -1.23 -19.19
C LYS A 265 -20.00 -0.33 -18.39
N GLU A 266 -19.45 0.71 -17.78
CA GLU A 266 -20.29 1.62 -16.99
C GLU A 266 -21.26 2.38 -17.89
N THR A 267 -20.74 2.89 -19.01
CA THR A 267 -21.60 3.51 -20.02
C THR A 267 -22.69 2.56 -20.47
N ALA A 268 -22.37 1.28 -20.66
CA ALA A 268 -23.40 0.35 -21.10
C ALA A 268 -24.38 -0.01 -19.97
N GLY A 269 -23.96 0.14 -18.71
CA GLY A 269 -24.81 -0.22 -17.59
C GLY A 269 -25.62 0.96 -17.08
#